data_8AXH
#
_entry.id   8AXH
#
_cell.length_a   35.501
_cell.length_b   68.490
_cell.length_c   90.923
_cell.angle_alpha   90.00
_cell.angle_beta   90.00
_cell.angle_gamma   90.00
#
_symmetry.space_group_name_H-M   'P 21 21 21'
#
loop_
_entity.id
_entity.type
_entity.pdbx_description
1 polymer 'Single-chain variable antibody (scFv) SM3'
2 polymer 'Mucin-1 subunit alpha'
3 non-polymer 1,2-ETHANEDIOL
4 non-polymer 2-acetamido-2-deoxy-alpha-D-galactopyranose
5 water water
#
loop_
_entity_poly.entity_id
_entity_poly.type
_entity_poly.pdbx_seq_one_letter_code
_entity_poly.pdbx_strand_id
1 'polypeptide(L)'
;QVQLQESGGGLVQPGGSMKLSCVASGFTFSNYWMNWVRQSPEKGLEWVAEIRLKSNNYATHYAESVKGRFTISRDDSKSS
VYLQMNNLRAEDTGIYYCTGVGQFAYWGQGTTVTVSSSSGGGGSGGGGGSSGSSDIVVTQESALTTSPGETVTLTCRSST
GAVTTSNYANWVQEKPDHLFTGLIGGTNNRAPGVPARFSGSLIGDKAALTITGAQTEDEAIYFCALWYSNHWVFGGGTKL
TVLG
;
H
2 'polypeptide(L)' APD(VAH)RP(NH2) A
#
# COMPACT_ATOMS: atom_id res chain seq x y z
N GLN A 1 15.35 -9.00 -7.77
CA GLN A 1 14.85 -7.61 -7.78
C GLN A 1 13.64 -7.57 -8.72
N VAL A 2 12.54 -7.15 -8.12
CA VAL A 2 11.37 -6.72 -8.84
C VAL A 2 11.51 -5.21 -8.99
N GLN A 3 11.14 -4.69 -10.17
CA GLN A 3 11.14 -3.25 -10.34
C GLN A 3 9.77 -2.83 -10.83
N LEU A 4 9.28 -1.72 -10.29
CA LEU A 4 8.05 -1.09 -10.76
C LEU A 4 8.45 0.36 -11.02
N GLN A 5 8.68 0.69 -12.29
CA GLN A 5 9.24 1.97 -12.68
C GLN A 5 8.11 2.89 -13.15
N GLU A 6 7.90 3.96 -12.36
CA GLU A 6 6.83 4.91 -12.57
C GLU A 6 7.32 6.11 -13.35
N SER A 7 6.40 6.77 -14.06
CA SER A 7 6.60 8.07 -14.68
C SER A 7 5.25 8.78 -14.86
N GLY A 8 5.30 10.10 -15.10
CA GLY A 8 4.16 10.85 -15.60
C GLY A 8 3.69 11.98 -14.68
N GLY A 9 4.23 12.06 -13.47
CA GLY A 9 3.82 13.10 -12.54
C GLY A 9 4.16 14.50 -13.05
N GLY A 10 3.81 15.48 -12.24
CA GLY A 10 4.24 16.85 -12.45
C GLY A 10 3.47 17.83 -11.60
N LEU A 11 3.33 19.04 -12.16
CA LEU A 11 2.77 20.22 -11.54
C LEU A 11 1.66 20.73 -12.45
N VAL A 12 0.41 20.59 -11.99
CA VAL A 12 -0.74 20.79 -12.85
C VAL A 12 -1.75 21.71 -12.17
N GLN A 13 -2.69 22.19 -13.00
CA GLN A 13 -3.70 23.16 -12.59
C GLN A 13 -4.97 22.42 -12.15
N PRO A 14 -5.68 22.90 -11.11
CA PRO A 14 -7.01 22.39 -10.79
C PRO A 14 -7.83 22.23 -12.07
N GLY A 15 -8.43 21.06 -12.27
CA GLY A 15 -9.28 20.82 -13.42
C GLY A 15 -8.53 20.14 -14.56
N GLY A 16 -7.19 20.08 -14.47
CA GLY A 16 -6.39 19.43 -15.49
C GLY A 16 -6.43 17.90 -15.41
N SER A 17 -5.73 17.27 -16.37
CA SER A 17 -5.59 15.83 -16.48
CA SER A 17 -5.58 15.84 -16.42
C SER A 17 -4.11 15.46 -16.55
N MET A 18 -3.84 14.19 -16.24
CA MET A 18 -2.51 13.62 -16.21
C MET A 18 -2.66 12.10 -16.24
N LYS A 19 -1.70 11.42 -16.88
CA LYS A 19 -1.68 9.98 -16.96
C LYS A 19 -0.35 9.45 -16.42
N LEU A 20 -0.45 8.57 -15.43
CA LEU A 20 0.71 7.93 -14.83
C LEU A 20 0.93 6.56 -15.46
N SER A 21 2.21 6.16 -15.50
CA SER A 21 2.60 4.85 -16.00
C SER A 21 3.44 4.13 -14.98
N CYS A 22 3.38 2.81 -15.06
CA CYS A 22 4.19 1.97 -14.22
C CYS A 22 4.53 0.70 -14.98
N VAL A 23 5.84 0.44 -15.13
CA VAL A 23 6.34 -0.71 -15.89
C VAL A 23 7.00 -1.70 -14.94
N ALA A 24 6.52 -2.95 -15.01
CA ALA A 24 6.91 -4.02 -14.10
C ALA A 24 7.97 -4.92 -14.73
N SER A 25 8.90 -5.40 -13.88
CA SER A 25 9.84 -6.42 -14.27
C SER A 25 10.19 -7.27 -13.05
N GLY A 26 10.49 -8.54 -13.36
CA GLY A 26 11.05 -9.48 -12.40
C GLY A 26 9.99 -10.40 -11.80
N PHE A 27 8.73 -10.29 -12.26
CA PHE A 27 7.71 -11.20 -11.78
C PHE A 27 6.67 -11.29 -12.88
N THR A 28 5.75 -12.24 -12.80
CA THR A 28 4.80 -12.44 -13.89
C THR A 28 3.63 -11.46 -13.70
N PHE A 29 3.82 -10.24 -14.20
CA PHE A 29 2.87 -9.15 -14.01
C PHE A 29 1.42 -9.55 -14.28
N SER A 30 1.16 -10.34 -15.34
CA SER A 30 -0.20 -10.56 -15.83
C SER A 30 -0.98 -11.54 -14.95
N ASN A 31 -0.30 -12.17 -13.98
CA ASN A 31 -0.92 -13.07 -13.03
C ASN A 31 -1.47 -12.34 -11.80
N TYR A 32 -1.11 -11.06 -11.62
CA TYR A 32 -1.46 -10.34 -10.39
C TYR A 32 -2.28 -9.07 -10.63
N TRP A 33 -3.17 -8.81 -9.68
CA TRP A 33 -3.89 -7.56 -9.67
C TRP A 33 -2.87 -6.46 -9.41
N MET A 34 -3.18 -5.27 -9.89
CA MET A 34 -2.34 -4.12 -9.61
CA MET A 34 -2.35 -4.10 -9.65
C MET A 34 -3.20 -3.03 -8.99
N ASN A 35 -2.55 -2.20 -8.15
CA ASN A 35 -3.16 -1.10 -7.41
C ASN A 35 -2.38 0.20 -7.58
N TRP A 36 -3.11 1.32 -7.46
CA TRP A 36 -2.53 2.63 -7.22
C TRP A 36 -2.88 3.02 -5.81
N VAL A 37 -1.89 3.61 -5.14
CA VAL A 37 -1.99 4.09 -3.77
C VAL A 37 -1.26 5.43 -3.76
N ARG A 38 -1.81 6.39 -3.03
CA ARG A 38 -1.14 7.68 -2.92
C ARG A 38 -0.93 8.07 -1.46
N GLN A 39 0.13 8.86 -1.27
CA GLN A 39 0.51 9.44 0.01
C GLN A 39 0.42 10.96 -0.04
N SER A 40 -0.28 11.56 0.91
CA SER A 40 -0.29 13.01 1.04
C SER A 40 -0.02 13.41 2.49
N PRO A 41 0.50 14.64 2.73
CA PRO A 41 0.58 15.15 4.11
C PRO A 41 -0.79 15.10 4.79
N GLU A 42 -1.85 15.50 4.06
CA GLU A 42 -3.16 15.73 4.63
C GLU A 42 -3.87 14.40 4.97
N LYS A 43 -3.75 13.39 4.10
CA LYS A 43 -4.62 12.22 4.19
C LYS A 43 -3.87 10.89 4.35
N GLY A 44 -2.58 10.93 4.71
CA GLY A 44 -1.77 9.73 4.92
C GLY A 44 -1.74 8.85 3.67
N LEU A 45 -1.67 7.50 3.85
CA LEU A 45 -1.64 6.56 2.73
C LEU A 45 -3.08 6.25 2.35
N GLU A 46 -3.40 6.30 1.06
CA GLU A 46 -4.78 6.10 0.63
C GLU A 46 -4.80 5.23 -0.63
N TRP A 47 -5.47 4.09 -0.53
CA TRP A 47 -5.70 3.25 -1.68
C TRP A 47 -6.65 3.96 -2.67
N VAL A 48 -6.34 3.88 -3.96
CA VAL A 48 -7.05 4.64 -5.00
C VAL A 48 -7.81 3.73 -5.98
N ALA A 49 -7.19 2.65 -6.43
CA ALA A 49 -7.77 1.83 -7.47
C ALA A 49 -7.04 0.50 -7.57
N GLU A 50 -7.79 -0.50 -8.05
CA GLU A 50 -7.25 -1.80 -8.40
C GLU A 50 -7.80 -2.22 -9.76
N ILE A 51 -7.00 -3.04 -10.43
CA ILE A 51 -7.40 -3.76 -11.64
C ILE A 51 -6.99 -5.22 -11.49
N ARG A 52 -7.91 -6.11 -11.85
CA ARG A 52 -7.69 -7.55 -11.83
C ARG A 52 -7.21 -8.04 -13.18
N LEU A 53 -7.41 -9.33 -13.48
CA LEU A 53 -6.69 -9.99 -14.55
C LEU A 53 -7.52 -10.00 -15.84
N LYS A 54 -6.86 -10.36 -16.93
CA LYS A 54 -7.56 -10.63 -18.17
C LYS A 54 -8.73 -11.58 -17.96
N SER A 55 -8.55 -12.61 -17.12
CA SER A 55 -9.59 -13.60 -16.87
C SER A 55 -10.76 -13.03 -16.07
N ASN A 56 -10.58 -11.84 -15.48
CA ASN A 56 -11.67 -11.16 -14.78
C ASN A 56 -12.26 -10.04 -15.66
N ASN A 57 -12.02 -10.10 -16.97
CA ASN A 57 -12.35 -8.98 -17.85
C ASN A 57 -11.78 -7.68 -17.30
N TYR A 58 -10.59 -7.73 -16.69
CA TYR A 58 -9.86 -6.55 -16.24
C TYR A 58 -10.73 -5.69 -15.33
N ALA A 59 -11.46 -6.33 -14.45
CA ALA A 59 -12.39 -5.61 -13.60
C ALA A 59 -11.64 -4.60 -12.70
N THR A 60 -12.32 -3.47 -12.46
CA THR A 60 -11.73 -2.35 -11.74
C THR A 60 -12.61 -1.96 -10.57
N HIS A 61 -11.94 -1.41 -9.53
CA HIS A 61 -12.62 -0.81 -8.39
C HIS A 61 -11.86 0.45 -7.97
N TYR A 62 -12.60 1.43 -7.46
CA TYR A 62 -12.07 2.76 -7.20
C TYR A 62 -12.51 3.21 -5.82
N ALA A 63 -11.63 3.95 -5.11
CA ALA A 63 -12.05 4.71 -3.95
C ALA A 63 -13.15 5.72 -4.38
N GLU A 64 -14.09 5.96 -3.46
CA GLU A 64 -15.15 6.93 -3.65
C GLU A 64 -14.54 8.29 -4.02
N SER A 65 -13.37 8.65 -3.47
CA SER A 65 -12.75 9.96 -3.65
C SER A 65 -12.33 10.22 -5.11
N VAL A 66 -12.16 9.16 -5.91
CA VAL A 66 -11.67 9.36 -7.26
C VAL A 66 -12.64 8.79 -8.29
N LYS A 67 -13.70 8.12 -7.84
CA LYS A 67 -14.59 7.44 -8.77
C LYS A 67 -15.20 8.46 -9.72
N GLY A 68 -15.21 8.14 -11.01
CA GLY A 68 -15.69 9.07 -12.03
C GLY A 68 -14.60 9.98 -12.60
N ARG A 69 -13.40 10.04 -12.01
CA ARG A 69 -12.39 10.97 -12.46
C ARG A 69 -11.11 10.24 -12.86
N PHE A 70 -10.88 9.10 -12.19
CA PHE A 70 -9.68 8.34 -12.43
C PHE A 70 -10.05 7.05 -13.14
N THR A 71 -9.14 6.57 -14.01
CA THR A 71 -9.30 5.30 -14.70
C THR A 71 -8.00 4.51 -14.59
N ILE A 72 -8.08 3.29 -14.09
CA ILE A 72 -6.94 2.38 -14.07
C ILE A 72 -7.05 1.45 -15.27
N SER A 73 -5.91 1.19 -15.91
CA SER A 73 -5.80 0.27 -17.01
C SER A 73 -4.46 -0.44 -16.97
N ARG A 74 -4.35 -1.53 -17.73
CA ARG A 74 -3.12 -2.27 -17.83
C ARG A 74 -2.97 -2.77 -19.27
N ASP A 75 -1.70 -3.01 -19.64
CA ASP A 75 -1.29 -3.58 -20.90
C ASP A 75 -0.33 -4.72 -20.60
N ASP A 76 -0.86 -5.94 -20.57
CA ASP A 76 -0.11 -7.11 -20.18
C ASP A 76 1.03 -7.36 -21.16
N SER A 77 0.84 -7.03 -22.44
CA SER A 77 1.90 -7.23 -23.43
C SER A 77 3.07 -6.28 -23.18
N LYS A 78 2.85 -5.16 -22.46
CA LYS A 78 3.97 -4.28 -22.07
C LYS A 78 4.25 -4.29 -20.57
N SER A 79 3.61 -5.21 -19.83
CA SER A 79 3.82 -5.34 -18.38
C SER A 79 3.66 -3.99 -17.69
N SER A 80 2.65 -3.23 -18.10
CA SER A 80 2.46 -1.87 -17.60
C SER A 80 1.06 -1.69 -17.05
N VAL A 81 0.99 -0.87 -16.02
CA VAL A 81 -0.27 -0.39 -15.46
C VAL A 81 -0.27 1.14 -15.50
N TYR A 82 -1.47 1.73 -15.67
CA TYR A 82 -1.64 3.14 -15.88
C TYR A 82 -2.72 3.68 -14.96
N LEU A 83 -2.62 4.99 -14.68
CA LEU A 83 -3.69 5.73 -14.04
C LEU A 83 -3.94 7.05 -14.78
N GLN A 84 -5.07 7.12 -15.48
CA GLN A 84 -5.56 8.37 -16.07
C GLN A 84 -6.34 9.14 -15.01
N MET A 85 -5.92 10.39 -14.77
CA MET A 85 -6.52 11.24 -13.78
C MET A 85 -7.13 12.48 -14.44
N ASN A 86 -8.45 12.59 -14.38
CA ASN A 86 -9.16 13.75 -14.93
C ASN A 86 -9.70 14.62 -13.80
N ASN A 87 -9.91 15.89 -14.13
CA ASN A 87 -10.56 16.82 -13.24
C ASN A 87 -9.85 16.85 -11.89
N LEU A 88 -8.54 17.11 -11.93
CA LEU A 88 -7.71 17.11 -10.75
C LEU A 88 -8.12 18.25 -9.83
N ARG A 89 -7.99 17.99 -8.51
CA ARG A 89 -8.28 18.94 -7.44
C ARG A 89 -7.08 19.03 -6.51
N ALA A 90 -6.99 20.11 -5.72
CA ALA A 90 -5.93 20.26 -4.73
C ALA A 90 -5.73 18.99 -3.91
N GLU A 91 -6.82 18.33 -3.52
CA GLU A 91 -6.76 17.19 -2.63
C GLU A 91 -6.20 15.92 -3.30
N ASP A 92 -5.99 15.92 -4.61
CA ASP A 92 -5.35 14.82 -5.31
C ASP A 92 -3.83 14.92 -5.26
N THR A 93 -3.30 16.05 -4.77
CA THR A 93 -1.86 16.23 -4.58
C THR A 93 -1.30 15.12 -3.69
N GLY A 94 -0.18 14.53 -4.13
CA GLY A 94 0.58 13.58 -3.35
C GLY A 94 1.52 12.75 -4.20
N ILE A 95 2.12 11.75 -3.56
CA ILE A 95 3.01 10.80 -4.22
C ILE A 95 2.22 9.55 -4.58
N TYR A 96 2.28 9.16 -5.86
CA TYR A 96 1.49 8.06 -6.38
C TYR A 96 2.39 6.84 -6.63
N TYR A 97 1.93 5.69 -6.10
CA TYR A 97 2.65 4.43 -6.13
C TYR A 97 1.76 3.37 -6.78
N CYS A 98 2.34 2.63 -7.73
CA CYS A 98 1.78 1.37 -8.19
C CYS A 98 2.35 0.28 -7.29
N THR A 99 1.50 -0.69 -6.93
CA THR A 99 1.88 -1.74 -6.00
C THR A 99 0.95 -2.94 -6.18
N GLY A 100 1.53 -4.11 -5.92
CA GLY A 100 0.75 -5.34 -5.84
C GLY A 100 1.58 -6.53 -5.35
N VAL A 101 0.93 -7.70 -5.43
CA VAL A 101 1.48 -9.02 -5.14
C VAL A 101 1.45 -9.29 -3.63
N GLY A 102 0.52 -10.17 -3.22
CA GLY A 102 0.57 -10.81 -1.90
C GLY A 102 0.51 -9.89 -0.67
N GLN A 103 -0.27 -8.80 -0.63
CA GLN A 103 -1.00 -8.13 -1.69
C GLN A 103 -0.30 -6.80 -2.04
N PHE A 104 0.68 -6.36 -1.24
CA PHE A 104 1.43 -5.12 -1.45
C PHE A 104 2.94 -5.34 -1.23
N ALA A 105 3.46 -6.45 -1.74
CA ALA A 105 4.87 -6.76 -1.59
C ALA A 105 5.74 -5.71 -2.30
N TYR A 106 5.33 -5.30 -3.51
CA TYR A 106 6.17 -4.55 -4.45
C TYR A 106 5.54 -3.19 -4.68
N TRP A 107 6.37 -2.15 -4.53
CA TRP A 107 6.00 -0.76 -4.67
C TRP A 107 6.89 -0.11 -5.72
N GLY A 108 6.29 0.72 -6.57
CA GLY A 108 7.10 1.61 -7.36
C GLY A 108 7.75 2.68 -6.51
N GLN A 109 8.67 3.44 -7.12
CA GLN A 109 9.49 4.41 -6.42
C GLN A 109 8.65 5.67 -6.13
N GLY A 110 7.50 5.85 -6.79
CA GLY A 110 6.64 6.99 -6.50
C GLY A 110 6.77 8.05 -7.60
N THR A 111 5.68 8.74 -7.95
CA THR A 111 5.71 9.90 -8.83
C THR A 111 4.81 10.96 -8.21
N THR A 112 5.33 12.19 -8.13
CA THR A 112 4.68 13.30 -7.46
C THR A 112 3.71 14.00 -8.41
N VAL A 113 2.46 14.16 -7.93
CA VAL A 113 1.45 14.98 -8.58
C VAL A 113 1.18 16.15 -7.64
N THR A 114 1.46 17.38 -8.11
CA THR A 114 1.15 18.60 -7.36
C THR A 114 0.11 19.38 -8.15
N VAL A 115 -1.07 19.51 -7.55
CA VAL A 115 -2.18 20.24 -8.12
C VAL A 115 -2.26 21.56 -7.36
N SER A 116 -1.93 22.66 -8.03
CA SER A 116 -2.09 23.97 -7.42
C SER A 116 -2.70 24.96 -8.42
N SER A 134 -17.65 3.16 3.39
CA SER A 134 -18.47 3.23 4.63
C SER A 134 -17.71 3.94 5.76
N ASP A 135 -16.70 4.75 5.38
CA ASP A 135 -16.06 5.72 6.27
C ASP A 135 -15.33 5.01 7.40
N ILE A 136 -14.57 4.00 7.03
CA ILE A 136 -13.85 3.14 7.97
C ILE A 136 -12.55 3.85 8.34
N VAL A 137 -12.21 3.77 9.63
CA VAL A 137 -10.94 4.24 10.15
C VAL A 137 -10.20 3.04 10.73
N VAL A 138 -8.94 2.92 10.31
CA VAL A 138 -8.02 1.89 10.76
C VAL A 138 -6.97 2.62 11.60
N THR A 139 -6.80 2.18 12.84
CA THR A 139 -6.02 2.91 13.83
C THR A 139 -4.81 2.07 14.22
N GLN A 140 -3.64 2.71 14.19
CA GLN A 140 -2.36 2.15 14.59
C GLN A 140 -1.79 3.06 15.68
N GLU A 141 -0.88 2.53 16.50
CA GLU A 141 -0.10 3.37 17.41
C GLU A 141 0.60 4.47 16.60
N SER A 142 0.57 5.73 17.07
CA SER A 142 1.24 6.82 16.37
C SER A 142 2.75 6.56 16.34
N ALA A 143 3.30 6.21 17.50
CA ALA A 143 4.72 5.92 17.64
C ALA A 143 4.94 4.81 18.68
N LEU A 144 6.06 4.10 18.50
CA LEU A 144 6.58 3.17 19.48
C LEU A 144 8.10 3.29 19.44
N THR A 145 8.68 3.01 20.60
CA THR A 145 10.11 3.15 20.83
C THR A 145 10.60 1.81 21.38
N THR A 146 11.65 1.28 20.76
CA THR A 146 12.22 0.02 21.18
C THR A 146 13.74 0.17 21.08
N SER A 147 14.43 -0.93 21.32
CA SER A 147 15.89 -0.96 21.28
C SER A 147 16.33 -2.21 20.54
N PRO A 148 17.55 -2.26 19.99
CA PRO A 148 18.01 -3.46 19.29
C PRO A 148 17.88 -4.69 20.18
N GLY A 149 17.33 -5.77 19.62
CA GLY A 149 17.28 -7.02 20.34
C GLY A 149 15.93 -7.24 21.03
N GLU A 150 15.09 -6.19 21.12
CA GLU A 150 13.81 -6.31 21.78
C GLU A 150 12.79 -6.94 20.84
N THR A 151 11.67 -7.36 21.41
CA THR A 151 10.54 -7.87 20.65
C THR A 151 9.47 -6.78 20.74
N VAL A 152 9.04 -6.25 19.58
CA VAL A 152 8.07 -5.18 19.58
C VAL A 152 6.90 -5.59 18.69
N THR A 153 5.68 -5.26 19.14
CA THR A 153 4.45 -5.59 18.43
C THR A 153 3.68 -4.30 18.13
N LEU A 154 3.39 -4.10 16.83
CA LEU A 154 2.55 -3.02 16.33
C LEU A 154 1.15 -3.59 16.12
N THR A 155 0.11 -2.75 16.29
CA THR A 155 -1.25 -3.25 16.12
C THR A 155 -2.07 -2.35 15.19
N CYS A 156 -3.18 -2.90 14.74
CA CYS A 156 -3.99 -2.39 13.65
C CYS A 156 -5.46 -2.72 13.97
N ARG A 157 -6.22 -1.69 14.38
CA ARG A 157 -7.61 -1.84 14.80
C ARG A 157 -8.54 -1.31 13.71
N SER A 158 -9.72 -1.93 13.57
CA SER A 158 -10.73 -1.47 12.61
C SER A 158 -11.90 -0.83 13.37
N SER A 159 -12.44 0.27 12.85
CA SER A 159 -13.58 0.94 13.47
C SER A 159 -14.83 0.08 13.33
N THR A 160 -14.81 -0.95 12.49
CA THR A 160 -16.02 -1.71 12.21
C THR A 160 -16.25 -2.81 13.23
N GLY A 161 -15.27 -3.05 14.10
CA GLY A 161 -15.31 -4.23 14.95
C GLY A 161 -14.01 -5.00 14.84
N ALA A 162 -14.06 -6.31 15.13
CA ALA A 162 -12.87 -7.13 15.19
C ALA A 162 -12.21 -7.31 13.83
N VAL A 163 -10.87 -7.34 13.81
CA VAL A 163 -10.16 -7.74 12.61
C VAL A 163 -10.18 -9.25 12.55
N THR A 164 -10.50 -9.79 11.38
CA THR A 164 -10.50 -11.21 11.16
C THR A 164 -9.56 -11.53 9.99
N THR A 165 -9.40 -12.81 9.66
CA THR A 165 -8.62 -13.22 8.50
C THR A 165 -9.31 -12.77 7.21
N SER A 166 -10.60 -12.43 7.28
CA SER A 166 -11.32 -11.94 6.12
C SER A 166 -10.96 -10.48 5.77
N ASN A 167 -10.14 -9.84 6.61
CA ASN A 167 -9.62 -8.53 6.31
C ASN A 167 -8.21 -8.61 5.71
N TYR A 168 -7.65 -9.82 5.59
CA TYR A 168 -6.42 -10.04 4.82
C TYR A 168 -5.37 -8.98 5.15
N ALA A 169 -5.06 -8.84 6.45
CA ALA A 169 -4.22 -7.75 6.89
C ALA A 169 -2.87 -7.80 6.17
N ASN A 170 -2.44 -6.63 5.71
CA ASN A 170 -1.12 -6.43 5.14
C ASN A 170 -0.36 -5.43 5.97
N TRP A 171 0.97 -5.59 5.97
CA TRP A 171 1.88 -4.67 6.63
C TRP A 171 2.94 -4.28 5.62
N VAL A 172 3.27 -2.98 5.58
CA VAL A 172 4.19 -2.38 4.65
C VAL A 172 5.08 -1.41 5.43
N GLN A 173 6.32 -1.25 4.97
CA GLN A 173 7.31 -0.48 5.65
C GLN A 173 7.75 0.67 4.76
N GLU A 174 7.82 1.87 5.35
CA GLU A 174 8.29 3.04 4.62
C GLU A 174 9.60 3.53 5.23
N LYS A 175 10.62 3.61 4.40
CA LYS A 175 11.94 4.11 4.78
C LYS A 175 12.24 5.41 4.03
N PRO A 176 13.22 6.22 4.50
CA PRO A 176 13.48 7.49 3.85
C PRO A 176 13.65 7.35 2.35
N ASP A 177 13.64 8.54 1.77
CA ASP A 177 12.71 9.15 0.83
C ASP A 177 11.62 8.26 0.25
N HIS A 178 10.59 8.00 1.07
CA HIS A 178 9.31 7.48 0.58
C HIS A 178 9.51 6.15 -0.14
N LEU A 179 10.32 5.26 0.44
CA LEU A 179 10.54 3.96 -0.18
C LEU A 179 9.74 2.91 0.57
N PHE A 180 8.84 2.23 -0.16
CA PHE A 180 7.94 1.27 0.46
C PHE A 180 8.35 -0.15 0.09
N THR A 181 8.18 -1.07 1.04
CA THR A 181 8.28 -2.47 0.76
C THR A 181 7.23 -3.21 1.59
N GLY A 182 6.62 -4.24 1.02
CA GLY A 182 5.65 -5.03 1.74
C GLY A 182 6.36 -6.06 2.60
N LEU A 183 5.84 -6.28 3.82
CA LEU A 183 6.36 -7.30 4.72
C LEU A 183 5.45 -8.54 4.80
N ILE A 184 4.15 -8.32 5.01
CA ILE A 184 3.20 -9.37 5.38
C ILE A 184 1.94 -9.14 4.56
N GLY A 185 1.38 -10.23 4.01
CA GLY A 185 0.05 -10.17 3.42
C GLY A 185 -0.85 -11.28 3.94
N GLY A 186 -2.15 -11.19 3.68
CA GLY A 186 -3.02 -12.29 4.05
C GLY A 186 -2.88 -12.66 5.53
N THR A 187 -2.81 -11.63 6.37
CA THR A 187 -2.71 -11.71 7.84
C THR A 187 -1.29 -12.07 8.32
N ASN A 188 -0.73 -13.19 7.85
CA ASN A 188 0.50 -13.71 8.41
C ASN A 188 1.44 -14.37 7.41
N ASN A 189 1.32 -14.06 6.11
CA ASN A 189 2.22 -14.63 5.09
C ASN A 189 3.36 -13.67 4.82
N ARG A 190 4.59 -14.08 5.10
CA ARG A 190 5.71 -13.17 4.87
C ARG A 190 5.95 -13.02 3.37
N ALA A 191 5.96 -11.78 2.82
CA ALA A 191 6.29 -11.59 1.40
C ALA A 191 7.68 -12.16 1.07
N PRO A 192 8.01 -12.47 -0.22
CA PRO A 192 9.24 -13.20 -0.54
C PRO A 192 10.49 -12.41 -0.15
N GLY A 193 11.46 -13.10 0.46
CA GLY A 193 12.73 -12.48 0.83
C GLY A 193 12.63 -11.48 1.99
N VAL A 194 11.52 -11.47 2.72
CA VAL A 194 11.38 -10.60 3.88
C VAL A 194 12.07 -11.27 5.07
N PRO A 195 12.86 -10.52 5.87
CA PRO A 195 13.60 -11.13 6.99
C PRO A 195 12.66 -11.89 7.94
N ALA A 196 13.17 -13.02 8.46
CA ALA A 196 12.44 -13.89 9.38
C ALA A 196 12.01 -13.23 10.69
N ARG A 197 12.62 -12.12 11.08
CA ARG A 197 12.26 -11.43 12.33
C ARG A 197 10.88 -10.78 12.26
N PHE A 198 10.33 -10.61 11.05
CA PHE A 198 9.00 -10.04 10.88
C PHE A 198 7.96 -11.15 10.85
N SER A 199 6.88 -11.01 11.61
CA SER A 199 5.73 -11.91 11.54
C SER A 199 4.42 -11.16 11.75
N GLY A 200 3.36 -11.76 11.20
CA GLY A 200 2.02 -11.21 11.34
C GLY A 200 1.09 -12.14 12.12
N SER A 201 0.17 -11.52 12.88
CA SER A 201 -0.77 -12.25 13.73
CA SER A 201 -0.75 -12.23 13.77
C SER A 201 -2.07 -11.47 13.86
N LEU A 202 -3.06 -12.15 14.44
CA LEU A 202 -4.26 -11.54 14.98
C LEU A 202 -4.22 -11.73 16.49
N ILE A 203 -4.32 -10.64 17.24
CA ILE A 203 -4.18 -10.70 18.68
C ILE A 203 -5.26 -9.79 19.25
N GLY A 204 -6.18 -10.39 20.03
CA GLY A 204 -7.28 -9.64 20.61
C GLY A 204 -8.04 -8.79 19.59
N ASP A 205 -8.45 -9.41 18.50
CA ASP A 205 -9.32 -8.73 17.54
C ASP A 205 -8.67 -7.51 16.87
N LYS A 206 -7.33 -7.45 16.88
CA LYS A 206 -6.55 -6.54 16.05
C LYS A 206 -5.58 -7.37 15.21
N ALA A 207 -5.16 -6.81 14.07
CA ALA A 207 -4.00 -7.34 13.36
C ALA A 207 -2.74 -6.79 14.03
N ALA A 208 -1.67 -7.59 13.99
CA ALA A 208 -0.43 -7.28 14.67
C ALA A 208 0.76 -7.70 13.80
N LEU A 209 1.76 -6.82 13.79
CA LEU A 209 3.10 -7.10 13.28
C LEU A 209 4.09 -7.14 14.45
N THR A 210 4.82 -8.26 14.54
CA THR A 210 5.85 -8.48 15.54
C THR A 210 7.23 -8.51 14.87
N ILE A 211 8.15 -7.68 15.41
CA ILE A 211 9.55 -7.81 15.15
C ILE A 211 10.26 -8.48 16.34
N THR A 212 10.74 -9.71 16.12
CA THR A 212 11.35 -10.51 17.18
C THR A 212 12.86 -10.31 17.07
N GLY A 213 13.32 -9.31 17.82
CA GLY A 213 14.71 -8.91 17.79
C GLY A 213 14.85 -7.75 16.84
N ALA A 214 14.44 -6.57 17.35
CA ALA A 214 14.43 -5.38 16.51
C ALA A 214 15.86 -5.03 16.14
N GLN A 215 16.07 -4.52 14.92
CA GLN A 215 17.37 -4.08 14.47
C GLN A 215 17.33 -2.58 14.20
N THR A 216 18.50 -1.93 14.22
CA THR A 216 18.62 -0.49 14.02
CA THR A 216 18.56 -0.49 14.06
C THR A 216 17.98 -0.07 12.70
N GLU A 217 18.21 -0.86 11.64
CA GLU A 217 17.64 -0.59 10.32
C GLU A 217 16.10 -0.70 10.26
N ASP A 218 15.47 -1.14 11.36
CA ASP A 218 14.01 -1.31 11.35
C ASP A 218 13.32 -0.01 11.76
N GLU A 219 14.11 1.01 12.07
CA GLU A 219 13.56 2.32 12.34
C GLU A 219 12.91 2.81 11.05
N ALA A 220 11.59 3.04 11.07
CA ALA A 220 10.80 3.22 9.86
C ALA A 220 9.37 3.52 10.26
N ILE A 221 8.52 3.81 9.26
CA ILE A 221 7.08 3.92 9.48
C ILE A 221 6.42 2.66 8.94
N TYR A 222 5.60 2.03 9.78
CA TYR A 222 4.89 0.82 9.40
C TYR A 222 3.41 1.14 9.17
N PHE A 223 2.88 0.71 8.01
CA PHE A 223 1.46 0.82 7.75
C PHE A 223 0.78 -0.55 7.67
N CYS A 224 -0.44 -0.64 8.22
CA CYS A 224 -1.27 -1.78 7.91
C CYS A 224 -2.32 -1.39 6.87
N ALA A 225 -2.82 -2.41 6.17
CA ALA A 225 -3.96 -2.27 5.27
C ALA A 225 -4.90 -3.43 5.52
N LEU A 226 -6.20 -3.11 5.60
CA LEU A 226 -7.30 -4.05 5.80
C LEU A 226 -8.28 -3.98 4.62
N TRP A 227 -8.74 -5.18 4.24
CA TRP A 227 -9.67 -5.37 3.13
C TRP A 227 -11.09 -5.44 3.67
N TYR A 228 -11.97 -4.71 2.99
CA TYR A 228 -13.38 -4.76 3.30
C TYR A 228 -14.18 -5.05 2.03
N SER A 229 -14.28 -6.34 1.70
CA SER A 229 -15.13 -6.85 0.63
C SER A 229 -14.59 -6.53 -0.76
N ASN A 230 -14.30 -5.23 -1.03
CA ASN A 230 -13.93 -4.79 -2.37
C ASN A 230 -13.01 -3.54 -2.35
N HIS A 231 -12.49 -3.18 -1.18
CA HIS A 231 -11.55 -2.08 -1.10
C HIS A 231 -10.63 -2.24 0.11
N TRP A 232 -9.51 -1.49 0.04
CA TRP A 232 -8.51 -1.44 1.09
C TRP A 232 -8.66 -0.14 1.86
N VAL A 233 -8.45 -0.21 3.18
CA VAL A 233 -8.24 0.97 3.99
C VAL A 233 -6.91 0.83 4.74
N PHE A 234 -6.06 1.87 4.61
CA PHE A 234 -4.77 1.94 5.28
C PHE A 234 -4.95 2.62 6.63
N GLY A 235 -4.20 2.12 7.62
CA GLY A 235 -4.04 2.78 8.90
C GLY A 235 -3.20 4.03 8.75
N GLY A 236 -3.11 4.82 9.84
CA GLY A 236 -2.35 6.06 9.80
C GLY A 236 -0.84 5.88 9.88
N GLY A 237 -0.35 4.65 10.13
CA GLY A 237 1.07 4.36 10.27
C GLY A 237 1.59 4.54 11.69
N THR A 238 2.63 3.76 12.02
CA THR A 238 3.31 3.82 13.30
C THR A 238 4.77 4.16 13.01
N LYS A 239 5.25 5.24 13.62
CA LYS A 239 6.66 5.56 13.59
C LYS A 239 7.38 4.73 14.64
N LEU A 240 8.22 3.80 14.19
CA LEU A 240 9.04 3.03 15.11
C LEU A 240 10.45 3.60 15.16
N THR A 241 10.85 3.98 16.38
CA THR A 241 12.19 4.40 16.70
C THR A 241 12.90 3.23 17.35
N VAL A 242 14.14 3.00 16.93
CA VAL A 242 14.99 1.97 17.49
C VAL A 242 16.19 2.70 18.10
N LEU A 243 16.21 2.82 19.45
CA LEU A 243 17.25 3.51 20.23
C LEU A 243 18.27 2.53 20.81
N GLY A 244 19.56 2.80 20.60
CA GLY A 244 20.60 2.26 21.49
C GLY A 244 21.56 1.31 20.80
N ALA B 1 -12.47 -12.29 -1.52
CA ALA B 1 -11.08 -11.99 -1.17
C ALA B 1 -10.40 -11.07 -2.20
N PRO B 2 -9.23 -10.50 -1.77
CA PRO B 2 -8.29 -9.70 -2.62
C PRO B 2 -7.47 -10.62 -3.38
N ASP B 3 -6.30 -10.16 -3.87
CA ASP B 3 -5.41 -11.00 -4.68
C ASP B 3 -4.58 -11.91 -3.79
N ARG B 5 -3.37 -14.73 -4.68
CA ARG B 5 -2.47 -15.57 -5.42
C ARG B 5 -1.06 -15.47 -4.77
N PRO B 6 -0.42 -16.63 -4.54
CA PRO B 6 0.96 -16.67 -4.01
C PRO B 6 1.86 -16.07 -4.96
#